data_1XW5
#
_entry.id   1XW5
#
_cell.length_a   51.200
_cell.length_b   49.790
_cell.length_c   92.040
_cell.angle_alpha   90.00
_cell.angle_beta   94.27
_cell.angle_gamma   90.00
#
_symmetry.space_group_name_H-M   'P 1 21 1'
#
loop_
_entity.id
_entity.type
_entity.pdbx_description
1 polymer 'Glutathione S-transferase Mu 2'
2 non-polymer GLUTATHIONE
3 water water
#
_entity_poly.entity_id   1
_entity_poly.type   'polypeptide(L)'
_entity_poly.pdbx_seq_one_letter_code
;PMTLGYWNIRGLAHSIRLLLEYTDSSYEEKKYTMGDAPDYDRSQWLNEKFKLGLDFPNLPYLIDGTHKITQSNAILRYIA
RKHNLCGESEKEQIREDILENQFMDSRMQLAKLCYDPDFEKLKPEYLQALPEMLKLYSQFLGKQPWFLGDKITFVDFIAY
DVLERNQVFEPSCLDAFPNLKDFISRFEGLEKISAYMKSSRFLPRPVFTKMAVWGNK
;
_entity_poly.pdbx_strand_id   A,B
#
loop_
_chem_comp.id
_chem_comp.type
_chem_comp.name
_chem_comp.formula
GSH non-polymer GLUTATHIONE 'C10 H17 N3 O6 S'
#
# COMPACT_ATOMS: atom_id res chain seq x y z
N PRO A 1 -5.75 27.96 2.24
CA PRO A 1 -5.54 27.76 0.80
C PRO A 1 -5.43 26.30 0.36
N MET A 2 -4.63 25.51 1.09
CA MET A 2 -4.50 24.08 0.76
C MET A 2 -5.82 23.42 1.19
N THR A 3 -6.36 22.51 0.38
CA THR A 3 -7.61 21.85 0.72
C THR A 3 -7.50 20.34 0.91
N LEU A 4 -7.96 19.86 2.08
CA LEU A 4 -7.96 18.45 2.39
C LEU A 4 -9.40 17.93 2.43
N GLY A 5 -9.73 17.06 1.49
CA GLY A 5 -11.06 16.49 1.44
C GLY A 5 -11.12 15.05 1.91
N TYR A 6 -12.10 14.74 2.75
CA TYR A 6 -12.29 13.38 3.27
C TYR A 6 -13.63 13.27 3.99
N TRP A 7 -13.99 12.05 4.36
CA TRP A 7 -15.21 11.82 5.11
C TRP A 7 -15.03 12.52 6.46
N ASN A 8 -16.14 12.72 7.19
CA ASN A 8 -16.11 13.39 8.48
C ASN A 8 -15.76 12.32 9.54
N ILE A 9 -14.67 11.61 9.28
CA ILE A 9 -14.18 10.56 10.18
C ILE A 9 -12.67 10.68 10.33
N ARG A 10 -12.13 9.87 11.22
CA ARG A 10 -10.70 9.82 11.49
C ARG A 10 -10.07 9.13 10.26
N GLY A 11 -10.41 7.86 10.06
CA GLY A 11 -9.92 7.08 8.93
C GLY A 11 -8.52 7.33 8.40
N LEU A 12 -8.42 7.38 7.08
CA LEU A 12 -7.16 7.61 6.37
C LEU A 12 -6.66 9.05 6.43
N ALA A 13 -7.45 9.96 6.98
CA ALA A 13 -7.03 11.35 7.04
C ALA A 13 -6.37 11.74 8.36
N HIS A 14 -6.40 10.85 9.34
CA HIS A 14 -5.82 11.14 10.66
C HIS A 14 -4.35 11.52 10.60
N SER A 15 -3.53 10.68 10.00
CA SER A 15 -2.10 10.93 9.88
C SER A 15 -1.79 12.22 9.15
N ILE A 16 -2.56 12.49 8.10
CA ILE A 16 -2.42 13.67 7.27
C ILE A 16 -2.75 14.94 8.06
N ARG A 17 -3.86 14.93 8.78
CA ARG A 17 -4.28 16.08 9.57
C ARG A 17 -3.19 16.40 10.60
N LEU A 18 -2.68 15.37 11.24
CA LEU A 18 -1.63 15.54 12.23
C LEU A 18 -0.37 16.09 11.59
N LEU A 19 0.00 15.58 10.41
CA LEU A 19 1.20 16.05 9.72
C LEU A 19 1.05 17.52 9.30
N LEU A 20 -0.12 17.88 8.79
CA LEU A 20 -0.38 19.27 8.38
C LEU A 20 -0.25 20.21 9.58
N GLU A 21 -0.78 19.79 10.73
CA GLU A 21 -0.67 20.57 11.97
C GLU A 21 0.75 20.69 12.48
N TYR A 22 1.48 19.58 12.48
CA TYR A 22 2.87 19.57 12.92
C TYR A 22 3.72 20.52 12.07
N THR A 23 3.52 20.46 10.75
CA THR A 23 4.25 21.29 9.80
C THR A 23 3.76 22.73 9.72
N ASP A 24 2.71 23.04 10.48
CA ASP A 24 2.14 24.37 10.52
C ASP A 24 1.71 24.80 9.12
N SER A 25 1.10 23.86 8.41
CA SER A 25 0.61 24.09 7.06
C SER A 25 -0.66 24.92 7.06
N SER A 26 -0.87 25.64 5.97
CA SER A 26 -2.06 26.47 5.78
C SER A 26 -3.05 25.62 4.99
N TYR A 27 -4.13 25.20 5.64
CA TYR A 27 -5.11 24.37 4.97
C TYR A 27 -6.51 24.52 5.54
N GLU A 28 -7.45 24.03 4.77
CA GLU A 28 -8.85 24.01 5.13
C GLU A 28 -9.30 22.60 4.74
N GLU A 29 -10.38 22.15 5.33
CA GLU A 29 -10.90 20.83 5.05
C GLU A 29 -12.26 20.88 4.39
N LYS A 30 -12.44 20.03 3.38
CA LYS A 30 -13.71 19.89 2.70
C LYS A 30 -14.24 18.59 3.27
N LYS A 31 -15.18 18.69 4.19
CA LYS A 31 -15.72 17.50 4.82
C LYS A 31 -16.96 16.96 4.14
N TYR A 32 -17.00 15.64 3.98
CA TYR A 32 -18.13 14.99 3.36
C TYR A 32 -18.73 14.10 4.43
N THR A 33 -20.05 14.18 4.57
CA THR A 33 -20.75 13.38 5.56
C THR A 33 -21.57 12.31 4.86
N MET A 34 -21.30 11.06 5.24
CA MET A 34 -22.00 9.93 4.68
C MET A 34 -23.34 9.81 5.43
N GLY A 35 -24.39 9.38 4.72
CA GLY A 35 -25.69 9.21 5.34
C GLY A 35 -25.70 7.94 6.17
N ASP A 36 -26.65 7.80 7.10
CA ASP A 36 -26.71 6.60 7.94
C ASP A 36 -27.27 5.41 7.20
N ALA A 37 -27.25 4.28 7.90
CA ALA A 37 -27.79 3.02 7.41
C ALA A 37 -29.28 3.23 7.19
N PRO A 38 -29.91 2.47 6.28
CA PRO A 38 -29.29 1.44 5.44
C PRO A 38 -28.76 1.97 4.10
N ASP A 39 -29.12 3.19 3.75
CA ASP A 39 -28.72 3.81 2.49
C ASP A 39 -27.25 4.18 2.36
N TYR A 40 -26.66 4.70 3.45
CA TYR A 40 -25.27 5.15 3.46
C TYR A 40 -25.02 6.12 2.31
N ASP A 41 -25.90 7.11 2.21
CA ASP A 41 -25.82 8.11 1.15
C ASP A 41 -24.45 8.75 0.99
N ARG A 42 -23.88 8.60 -0.21
CA ARG A 42 -22.57 9.16 -0.51
C ARG A 42 -22.57 10.32 -1.49
N SER A 43 -23.75 10.81 -1.85
CA SER A 43 -23.88 11.91 -2.82
C SER A 43 -23.10 13.19 -2.53
N GLN A 44 -22.90 13.51 -1.25
CA GLN A 44 -22.16 14.72 -0.89
C GLN A 44 -20.77 14.69 -1.55
N TRP A 45 -20.19 13.50 -1.61
CA TRP A 45 -18.88 13.30 -2.24
C TRP A 45 -19.03 13.03 -3.74
N LEU A 46 -19.94 12.11 -4.09
CA LEU A 46 -20.16 11.73 -5.48
C LEU A 46 -20.60 12.89 -6.39
N ASN A 47 -21.24 13.90 -5.81
CA ASN A 47 -21.70 15.06 -6.58
C ASN A 47 -20.58 15.95 -7.06
N GLU A 48 -19.39 15.79 -6.51
CA GLU A 48 -18.26 16.59 -6.97
C GLU A 48 -16.99 15.78 -7.17
N LYS A 49 -17.10 14.46 -7.02
CA LYS A 49 -15.97 13.55 -7.21
C LYS A 49 -15.22 13.74 -8.55
N PHE A 50 -15.96 13.92 -9.63
CA PHE A 50 -15.36 14.08 -10.95
C PHE A 50 -15.23 15.53 -11.43
N LYS A 51 -15.38 16.48 -10.51
CA LYS A 51 -15.30 17.89 -10.85
C LYS A 51 -14.12 18.57 -10.17
N LEU A 52 -13.23 17.77 -9.58
CA LEU A 52 -12.08 18.30 -8.87
C LEU A 52 -10.75 18.33 -9.60
N GLY A 53 -10.69 17.76 -10.80
CA GLY A 53 -9.47 17.75 -11.57
C GLY A 53 -8.50 16.67 -11.13
N LEU A 54 -9.00 15.74 -10.31
CA LEU A 54 -8.19 14.63 -9.79
C LEU A 54 -8.00 13.57 -10.90
N ASP A 55 -6.77 13.09 -11.04
CA ASP A 55 -6.45 12.07 -12.03
C ASP A 55 -7.13 10.75 -11.69
N PHE A 56 -7.17 10.41 -10.40
CA PHE A 56 -7.81 9.20 -9.93
C PHE A 56 -8.68 9.64 -8.73
N PRO A 57 -9.85 10.26 -9.00
CA PRO A 57 -10.76 10.73 -7.94
C PRO A 57 -10.88 9.72 -6.80
N ASN A 58 -10.62 10.20 -5.58
CA ASN A 58 -10.64 9.33 -4.39
C ASN A 58 -10.58 10.18 -3.13
N LEU A 59 -10.89 9.57 -1.99
CA LEU A 59 -10.81 10.24 -0.69
C LEU A 59 -9.77 9.46 0.14
N PRO A 60 -8.83 10.14 0.81
CA PRO A 60 -8.67 11.59 0.85
C PRO A 60 -7.97 12.16 -0.38
N TYR A 61 -8.10 13.47 -0.57
CA TYR A 61 -7.43 14.18 -1.65
C TYR A 61 -6.86 15.46 -1.07
N LEU A 62 -5.80 15.96 -1.66
CA LEU A 62 -5.20 17.20 -1.22
C LEU A 62 -5.00 18.10 -2.44
N ILE A 63 -5.52 19.32 -2.35
CA ILE A 63 -5.37 20.28 -3.43
C ILE A 63 -4.45 21.40 -2.96
N ASP A 64 -3.32 21.53 -3.64
CA ASP A 64 -2.33 22.55 -3.34
C ASP A 64 -1.97 23.26 -4.63
N GLY A 65 -2.77 24.25 -4.99
CA GLY A 65 -2.53 24.98 -6.22
C GLY A 65 -2.79 24.05 -7.38
N THR A 66 -1.83 23.97 -8.29
CA THR A 66 -1.95 23.10 -9.45
C THR A 66 -1.73 21.63 -9.11
N HIS A 67 -1.29 21.36 -7.88
CA HIS A 67 -1.03 20.00 -7.42
C HIS A 67 -2.24 19.35 -6.78
N LYS A 68 -2.84 18.41 -7.49
CA LYS A 68 -4.01 17.68 -7.01
C LYS A 68 -3.58 16.23 -6.76
N ILE A 69 -3.65 15.83 -5.50
CA ILE A 69 -3.19 14.51 -5.06
C ILE A 69 -4.16 13.60 -4.31
N THR A 70 -4.20 12.33 -4.72
CA THR A 70 -5.00 11.31 -4.06
C THR A 70 -4.00 10.28 -3.47
N GLN A 71 -4.52 9.30 -2.74
CA GLN A 71 -3.75 8.23 -2.08
C GLN A 71 -3.05 8.79 -0.84
N SER A 72 -3.57 8.41 0.33
CA SER A 72 -3.04 8.89 1.61
C SER A 72 -1.53 8.91 1.73
N ASN A 73 -0.89 7.82 1.28
CA ASN A 73 0.57 7.72 1.33
C ASN A 73 1.25 8.78 0.47
N ALA A 74 0.71 9.00 -0.73
CA ALA A 74 1.26 9.99 -1.63
C ALA A 74 1.06 11.41 -1.06
N ILE A 75 -0.03 11.61 -0.32
CA ILE A 75 -0.31 12.90 0.28
C ILE A 75 0.67 13.17 1.43
N LEU A 76 0.87 12.15 2.27
CA LEU A 76 1.81 12.27 3.39
C LEU A 76 3.23 12.56 2.89
N ARG A 77 3.64 11.85 1.83
CA ARG A 77 4.97 12.05 1.27
C ARG A 77 5.12 13.43 0.66
N TYR A 78 4.09 13.89 -0.03
CA TYR A 78 4.12 15.20 -0.67
C TYR A 78 4.39 16.28 0.38
N ILE A 79 3.60 16.24 1.45
CA ILE A 79 3.71 17.21 2.53
C ILE A 79 5.04 17.08 3.24
N ALA A 80 5.45 15.84 3.50
CA ALA A 80 6.71 15.58 4.19
C ALA A 80 7.92 16.13 3.43
N ARG A 81 7.95 15.95 2.12
CA ARG A 81 9.07 16.42 1.29
C ARG A 81 9.24 17.93 1.37
N LYS A 82 8.15 18.62 1.67
CA LYS A 82 8.13 20.06 1.75
C LYS A 82 8.71 20.56 3.07
N HIS A 83 8.85 19.67 4.04
CA HIS A 83 9.35 20.02 5.35
C HIS A 83 10.47 19.16 5.95
N ASN A 84 11.25 18.48 5.10
CA ASN A 84 12.36 17.64 5.56
C ASN A 84 11.87 16.57 6.55
N LEU A 85 10.79 15.89 6.21
CA LEU A 85 10.24 14.86 7.07
C LEU A 85 10.27 13.48 6.43
N CYS A 86 11.37 13.18 5.74
CA CYS A 86 11.54 11.90 5.09
C CYS A 86 12.92 11.31 5.39
N GLY A 87 13.06 10.01 5.18
CA GLY A 87 14.34 9.35 5.39
C GLY A 87 15.36 9.88 4.39
N GLU A 88 16.61 10.00 4.82
CA GLU A 88 17.65 10.52 3.96
C GLU A 88 18.65 9.49 3.41
N SER A 89 19.25 8.71 4.31
CA SER A 89 20.21 7.69 3.88
C SER A 89 19.50 6.47 3.29
N GLU A 90 20.26 5.61 2.61
CA GLU A 90 19.68 4.42 2.02
C GLU A 90 19.00 3.57 3.08
N LYS A 91 19.64 3.42 4.24
CA LYS A 91 19.06 2.63 5.31
C LYS A 91 17.74 3.22 5.82
N GLU A 92 17.70 4.55 5.96
CA GLU A 92 16.50 5.24 6.40
C GLU A 92 15.35 5.06 5.40
N GLN A 93 15.67 5.19 4.11
CA GLN A 93 14.67 5.00 3.05
C GLN A 93 14.13 3.57 3.05
N ILE A 94 14.99 2.60 3.35
CA ILE A 94 14.54 1.21 3.40
C ILE A 94 13.56 1.02 4.57
N ARG A 95 13.90 1.55 5.74
CA ARG A 95 13.04 1.42 6.91
C ARG A 95 11.72 2.13 6.63
N GLU A 96 11.82 3.27 5.97
CA GLU A 96 10.68 4.10 5.59
C GLU A 96 9.70 3.31 4.69
N ASP A 97 10.25 2.68 3.66
CA ASP A 97 9.47 1.88 2.72
C ASP A 97 8.86 0.65 3.34
N ILE A 98 9.64 -0.08 4.13
CA ILE A 98 9.13 -1.28 4.78
C ILE A 98 7.99 -0.91 5.73
N LEU A 99 8.20 0.10 6.57
CA LEU A 99 7.18 0.54 7.53
C LEU A 99 5.89 1.07 6.89
N GLU A 100 6.04 1.88 5.85
CA GLU A 100 4.91 2.44 5.15
C GLU A 100 3.96 1.31 4.72
N ASN A 101 4.50 0.31 4.05
CA ASN A 101 3.70 -0.80 3.58
C ASN A 101 3.25 -1.74 4.69
N GLN A 102 4.11 -1.96 5.68
CA GLN A 102 3.77 -2.82 6.80
C GLN A 102 2.61 -2.23 7.60
N PHE A 103 2.69 -0.95 7.92
CA PHE A 103 1.62 -0.29 8.68
C PHE A 103 0.31 -0.32 7.90
N MET A 104 0.38 -0.21 6.57
CA MET A 104 -0.81 -0.27 5.72
C MET A 104 -1.47 -1.64 5.86
N ASP A 105 -0.64 -2.70 5.93
CA ASP A 105 -1.14 -4.06 6.09
C ASP A 105 -1.87 -4.19 7.43
N SER A 106 -1.27 -3.64 8.49
CA SER A 106 -1.83 -3.69 9.83
C SER A 106 -3.16 -2.93 9.86
N ARG A 107 -3.19 -1.80 9.17
CA ARG A 107 -4.37 -0.96 9.06
C ARG A 107 -5.51 -1.75 8.44
N MET A 108 -5.20 -2.51 7.38
CA MET A 108 -6.18 -3.32 6.68
C MET A 108 -6.68 -4.49 7.51
N GLN A 109 -5.79 -5.08 8.30
CA GLN A 109 -6.17 -6.21 9.14
C GLN A 109 -7.23 -5.77 10.13
N LEU A 110 -7.06 -4.59 10.72
CA LEU A 110 -8.03 -4.07 11.68
C LEU A 110 -9.34 -3.68 10.97
N ALA A 111 -9.23 -3.01 9.83
CA ALA A 111 -10.41 -2.61 9.08
C ALA A 111 -11.22 -3.80 8.58
N LYS A 112 -10.52 -4.86 8.17
CA LYS A 112 -11.17 -6.06 7.67
C LYS A 112 -12.03 -6.65 8.80
N LEU A 113 -11.49 -6.66 10.01
CA LEU A 113 -12.20 -7.18 11.17
C LEU A 113 -13.40 -6.30 11.48
N CYS A 114 -13.14 -4.99 11.60
CA CYS A 114 -14.17 -4.03 11.95
C CYS A 114 -15.32 -3.84 10.95
N TYR A 115 -15.13 -4.23 9.69
CA TYR A 115 -16.17 -4.13 8.69
C TYR A 115 -16.83 -5.49 8.43
N ASP A 116 -16.34 -6.51 9.12
CA ASP A 116 -16.85 -7.85 8.93
C ASP A 116 -18.13 -8.07 9.73
N PRO A 117 -19.17 -8.67 9.09
CA PRO A 117 -20.44 -8.92 9.78
C PRO A 117 -20.28 -9.85 10.98
N ASP A 118 -19.26 -10.71 10.90
CA ASP A 118 -18.94 -11.66 11.95
C ASP A 118 -17.89 -11.12 12.90
N PHE A 119 -17.86 -9.80 13.05
CA PHE A 119 -16.93 -9.09 13.92
C PHE A 119 -16.78 -9.73 15.30
N GLU A 120 -17.89 -10.10 15.93
CA GLU A 120 -17.86 -10.71 17.26
C GLU A 120 -17.08 -12.01 17.35
N LYS A 121 -17.24 -12.86 16.33
CA LYS A 121 -16.56 -14.16 16.28
C LYS A 121 -15.08 -13.99 16.01
N LEU A 122 -14.77 -13.13 15.05
CA LEU A 122 -13.40 -12.87 14.62
C LEU A 122 -12.57 -12.03 15.58
N LYS A 123 -13.22 -11.29 16.46
CA LYS A 123 -12.50 -10.43 17.41
C LYS A 123 -11.48 -11.13 18.30
N PRO A 124 -11.86 -12.22 18.99
CA PRO A 124 -10.92 -12.94 19.87
C PRO A 124 -9.65 -13.38 19.15
N GLU A 125 -9.80 -13.72 17.88
CA GLU A 125 -8.66 -14.17 17.09
C GLU A 125 -7.75 -12.99 16.77
N TYR A 126 -8.34 -11.82 16.52
CA TYR A 126 -7.56 -10.61 16.23
C TYR A 126 -6.79 -10.20 17.50
N LEU A 127 -7.47 -10.26 18.65
CA LEU A 127 -6.85 -9.91 19.92
C LEU A 127 -5.73 -10.88 20.30
N GLN A 128 -5.87 -12.11 19.85
CA GLN A 128 -4.89 -13.18 20.07
C GLN A 128 -3.61 -12.87 19.29
N ALA A 129 -3.78 -12.52 18.01
CA ALA A 129 -2.67 -12.21 17.12
C ALA A 129 -2.08 -10.80 17.33
N LEU A 130 -2.80 -9.94 18.03
CA LEU A 130 -2.34 -8.57 18.26
C LEU A 130 -0.97 -8.40 18.94
N PRO A 131 -0.70 -9.15 20.02
CA PRO A 131 0.61 -9.00 20.68
C PRO A 131 1.80 -9.27 19.74
N GLU A 132 1.65 -10.26 18.86
CA GLU A 132 2.69 -10.61 17.89
C GLU A 132 2.97 -9.46 16.94
N MET A 133 1.91 -8.84 16.43
CA MET A 133 2.03 -7.69 15.53
C MET A 133 2.77 -6.54 16.21
N LEU A 134 2.28 -6.17 17.39
CA LEU A 134 2.85 -5.09 18.18
C LEU A 134 4.32 -5.36 18.55
N LYS A 135 4.64 -6.61 18.84
CA LYS A 135 5.99 -7.03 19.21
C LYS A 135 6.96 -6.66 18.10
N LEU A 136 6.60 -6.98 16.86
CA LEU A 136 7.44 -6.67 15.71
C LEU A 136 7.75 -5.18 15.62
N TYR A 137 6.74 -4.34 15.79
CA TYR A 137 6.96 -2.88 15.75
C TYR A 137 7.84 -2.44 16.92
N SER A 138 7.63 -3.02 18.09
CA SER A 138 8.43 -2.69 19.28
C SER A 138 9.92 -3.01 19.03
N GLN A 139 10.17 -4.21 18.50
CA GLN A 139 11.52 -4.67 18.20
C GLN A 139 12.20 -3.77 17.18
N PHE A 140 11.45 -3.38 16.15
CA PHE A 140 11.98 -2.52 15.10
C PHE A 140 12.37 -1.15 15.63
N LEU A 141 11.50 -0.56 16.46
CA LEU A 141 11.74 0.76 17.02
C LEU A 141 12.99 0.79 17.89
N GLY A 142 13.17 -0.20 18.75
CA GLY A 142 14.34 -0.24 19.61
C GLY A 142 14.31 0.89 20.62
N LYS A 143 15.46 1.52 20.85
CA LYS A 143 15.56 2.60 21.81
C LYS A 143 15.53 3.95 21.11
N GLN A 144 15.33 3.93 19.79
CA GLN A 144 15.26 5.15 19.00
C GLN A 144 13.98 5.89 19.39
N PRO A 145 14.02 7.24 19.43
CA PRO A 145 12.81 8.00 19.79
C PRO A 145 11.77 7.92 18.66
N TRP A 146 12.25 7.85 17.42
CA TRP A 146 11.38 7.77 16.24
C TRP A 146 11.68 6.53 15.40
N PHE A 147 10.77 6.17 14.51
CA PHE A 147 10.96 4.97 13.71
C PHE A 147 12.16 4.94 12.76
N LEU A 148 12.64 6.10 12.33
CA LEU A 148 13.81 6.09 11.45
C LEU A 148 15.09 6.45 12.19
N GLY A 149 14.96 6.75 13.48
CA GLY A 149 16.12 7.10 14.27
C GLY A 149 15.91 8.29 15.18
N ASP A 150 16.83 9.25 15.12
CA ASP A 150 16.75 10.44 15.95
C ASP A 150 15.80 11.52 15.43
N LYS A 151 15.47 11.47 14.14
CA LYS A 151 14.58 12.47 13.54
C LYS A 151 13.21 11.92 13.22
N ILE A 152 12.19 12.71 13.51
CA ILE A 152 10.80 12.33 13.23
C ILE A 152 10.59 12.47 11.72
N THR A 153 9.81 11.55 11.15
CA THR A 153 9.53 11.58 9.72
C THR A 153 8.07 11.20 9.51
N PHE A 154 7.60 11.24 8.27
CA PHE A 154 6.19 10.92 7.99
C PHE A 154 5.68 9.56 8.49
N VAL A 155 6.51 8.51 8.42
CA VAL A 155 6.07 7.20 8.91
C VAL A 155 5.70 7.21 10.39
N ASP A 156 6.24 8.15 11.15
CA ASP A 156 5.91 8.26 12.56
C ASP A 156 4.45 8.67 12.74
N PHE A 157 3.94 9.42 11.77
CA PHE A 157 2.55 9.86 11.79
C PHE A 157 1.64 8.69 11.44
N ILE A 158 2.08 7.85 10.49
CA ILE A 158 1.33 6.64 10.13
C ILE A 158 1.35 5.70 11.35
N ALA A 159 2.54 5.52 11.94
CA ALA A 159 2.73 4.65 13.11
C ALA A 159 1.82 5.03 14.27
N TYR A 160 1.79 6.32 14.61
CA TYR A 160 0.96 6.77 15.71
C TYR A 160 -0.49 6.41 15.46
N ASP A 161 -0.96 6.66 14.24
CA ASP A 161 -2.33 6.36 13.87
C ASP A 161 -2.69 4.89 14.06
N VAL A 162 -1.92 3.97 13.46
CA VAL A 162 -2.26 2.57 13.61
C VAL A 162 -2.05 2.05 15.02
N LEU A 163 -0.98 2.48 15.67
CA LEU A 163 -0.73 2.03 17.04
C LEU A 163 -1.81 2.54 17.98
N GLU A 164 -2.04 3.85 17.99
CA GLU A 164 -3.06 4.44 18.85
C GLU A 164 -4.47 3.92 18.59
N ARG A 165 -4.81 3.62 17.34
CA ARG A 165 -6.16 3.11 17.10
C ARG A 165 -6.35 1.68 17.62
N ASN A 166 -5.26 0.93 17.70
CA ASN A 166 -5.35 -0.41 18.24
C ASN A 166 -5.55 -0.28 19.75
N GLN A 167 -5.00 0.81 20.29
CA GLN A 167 -5.13 1.12 21.71
C GLN A 167 -6.60 1.50 21.99
N VAL A 168 -7.25 2.20 21.06
CA VAL A 168 -8.65 2.53 21.28
C VAL A 168 -9.46 1.21 21.21
N PHE A 169 -9.04 0.32 20.32
CA PHE A 169 -9.70 -0.98 20.14
C PHE A 169 -9.52 -1.82 21.41
N GLU A 170 -8.27 -1.85 21.92
CA GLU A 170 -7.94 -2.56 23.16
C GLU A 170 -6.96 -1.69 23.96
N PRO A 171 -7.46 -0.97 24.97
CA PRO A 171 -6.69 -0.06 25.83
C PRO A 171 -5.37 -0.62 26.37
N SER A 172 -5.35 -1.90 26.71
CA SER A 172 -4.17 -2.54 27.26
C SER A 172 -3.14 -3.13 26.29
N CYS A 173 -3.45 -3.13 24.99
CA CYS A 173 -2.55 -3.72 24.00
C CYS A 173 -1.09 -3.27 23.99
N LEU A 174 -0.82 -2.02 24.36
CA LEU A 174 0.56 -1.52 24.37
C LEU A 174 1.34 -1.71 25.68
N ASP A 175 0.68 -2.20 26.71
CA ASP A 175 1.28 -2.41 28.04
C ASP A 175 2.65 -3.09 28.10
N ALA A 176 2.76 -4.22 27.41
CA ALA A 176 4.00 -4.98 27.40
C ALA A 176 5.14 -4.34 26.62
N PHE A 177 4.86 -3.25 25.92
CA PHE A 177 5.88 -2.60 25.14
C PHE A 177 6.18 -1.16 25.55
N PRO A 178 7.00 -0.97 26.60
CA PRO A 178 7.37 0.34 27.11
C PRO A 178 7.81 1.35 26.05
N ASN A 179 8.56 0.92 25.04
CA ASN A 179 9.00 1.84 24.01
C ASN A 179 7.86 2.36 23.11
N LEU A 180 6.87 1.52 22.84
CA LEU A 180 5.71 1.91 22.01
C LEU A 180 4.82 2.88 22.80
N LYS A 181 4.71 2.63 24.10
CA LYS A 181 3.93 3.46 24.99
C LYS A 181 4.59 4.83 25.05
N ASP A 182 5.92 4.85 25.20
CA ASP A 182 6.67 6.10 25.27
C ASP A 182 6.57 6.85 23.95
N PHE A 183 6.52 6.10 22.84
CA PHE A 183 6.39 6.68 21.52
C PHE A 183 5.08 7.46 21.43
N ILE A 184 3.99 6.79 21.83
CA ILE A 184 2.65 7.39 21.85
C ILE A 184 2.66 8.69 22.67
N SER A 185 3.26 8.62 23.86
CA SER A 185 3.34 9.77 24.77
C SER A 185 4.14 10.90 24.14
N ARG A 186 5.26 10.53 23.54
CA ARG A 186 6.16 11.47 22.89
C ARG A 186 5.47 12.20 21.74
N PHE A 187 4.79 11.46 20.89
CA PHE A 187 4.08 12.05 19.75
C PHE A 187 2.96 13.02 20.19
N GLU A 188 2.11 12.56 21.11
CA GLU A 188 1.00 13.37 21.61
C GLU A 188 1.48 14.58 22.43
N GLY A 189 2.76 14.55 22.80
CA GLY A 189 3.34 15.62 23.59
C GLY A 189 4.00 16.69 22.77
N LEU A 190 4.21 16.43 21.49
CA LEU A 190 4.83 17.41 20.59
C LEU A 190 3.96 18.65 20.62
N GLU A 191 4.59 19.80 20.73
CA GLU A 191 3.91 21.09 20.81
C GLU A 191 2.65 21.25 19.96
N LYS A 192 2.82 21.15 18.64
CA LYS A 192 1.71 21.31 17.71
C LYS A 192 0.65 20.21 17.85
N ILE A 193 1.08 18.99 18.14
CA ILE A 193 0.15 17.86 18.28
C ILE A 193 -0.66 17.94 19.57
N SER A 194 -0.01 18.33 20.65
CA SER A 194 -0.67 18.45 21.93
C SER A 194 -1.79 19.50 21.83
N ALA A 195 -1.43 20.65 21.24
CA ALA A 195 -2.35 21.76 21.05
C ALA A 195 -3.54 21.38 20.15
N TYR A 196 -3.26 20.63 19.08
CA TYR A 196 -4.28 20.19 18.15
C TYR A 196 -5.26 19.24 18.83
N MET A 197 -4.73 18.34 19.66
CA MET A 197 -5.57 17.38 20.37
C MET A 197 -6.51 18.04 21.39
N LYS A 198 -6.18 19.27 21.80
CA LYS A 198 -7.00 20.04 22.74
C LYS A 198 -8.03 20.93 22.01
N SER A 199 -7.87 21.06 20.70
CA SER A 199 -8.78 21.90 19.92
C SER A 199 -10.09 21.25 19.51
N SER A 200 -11.01 22.06 19.01
CA SER A 200 -12.31 21.60 18.57
C SER A 200 -12.24 20.87 17.24
N ARG A 201 -11.20 21.15 16.47
CA ARG A 201 -11.00 20.53 15.17
C ARG A 201 -10.55 19.07 15.24
N PHE A 202 -9.96 18.68 16.36
CA PHE A 202 -9.48 17.31 16.54
C PHE A 202 -10.61 16.32 16.29
N LEU A 203 -10.33 15.35 15.41
CA LEU A 203 -11.30 14.33 15.03
C LEU A 203 -10.79 12.88 15.19
N PRO A 204 -10.80 12.38 16.43
CA PRO A 204 -10.35 11.00 16.71
C PRO A 204 -11.44 9.96 16.48
N ARG A 205 -12.68 10.42 16.34
CA ARG A 205 -13.83 9.55 16.15
C ARG A 205 -14.87 10.21 15.25
N PRO A 206 -15.64 9.41 14.49
CA PRO A 206 -15.54 7.94 14.47
C PRO A 206 -14.27 7.45 13.76
N VAL A 207 -13.81 6.27 14.15
CA VAL A 207 -12.61 5.67 13.58
C VAL A 207 -12.78 5.28 12.11
N PHE A 208 -13.88 4.59 11.79
CA PHE A 208 -14.18 4.17 10.42
C PHE A 208 -15.44 4.83 9.86
N THR A 209 -15.88 4.43 8.66
CA THR A 209 -17.09 4.99 8.07
C THR A 209 -18.34 4.39 8.73
N LYS A 210 -19.50 4.95 8.45
CA LYS A 210 -20.74 4.46 9.04
C LYS A 210 -21.08 3.01 8.67
N MET A 211 -20.43 2.50 7.62
CA MET A 211 -20.65 1.12 7.17
C MET A 211 -19.97 0.08 8.07
N ALA A 212 -19.04 0.51 8.91
CA ALA A 212 -18.32 -0.40 9.80
C ALA A 212 -19.18 -1.00 10.92
N VAL A 213 -18.80 -2.18 11.39
CA VAL A 213 -19.50 -2.87 12.46
C VAL A 213 -18.92 -2.34 13.79
N TRP A 214 -17.65 -1.98 13.75
CA TRP A 214 -16.98 -1.43 14.90
C TRP A 214 -16.35 -0.11 14.51
N GLY A 215 -16.51 0.89 15.38
CA GLY A 215 -15.94 2.20 15.14
C GLY A 215 -16.71 3.01 14.12
N ASN A 216 -17.99 2.72 13.94
CA ASN A 216 -18.83 3.44 12.98
C ASN A 216 -19.30 4.79 13.54
N LYS A 217 -19.23 4.94 14.86
CA LYS A 217 -19.61 6.17 15.55
C LYS A 217 -18.61 6.52 16.68
N PRO B 1 23.91 -14.48 -5.69
CA PRO B 1 24.16 -13.89 -4.35
C PRO B 1 22.92 -13.30 -3.70
N MET B 2 22.21 -12.43 -4.41
CA MET B 2 20.98 -11.84 -3.87
C MET B 2 19.92 -12.95 -3.82
N THR B 3 19.14 -13.02 -2.74
CA THR B 3 18.11 -14.06 -2.64
C THR B 3 16.69 -13.53 -2.59
N LEU B 4 15.87 -13.94 -3.55
CA LEU B 4 14.46 -13.54 -3.60
C LEU B 4 13.55 -14.71 -3.21
N GLY B 5 12.94 -14.60 -2.02
CA GLY B 5 12.04 -15.63 -1.56
C GLY B 5 10.58 -15.31 -1.80
N TYR B 6 9.82 -16.32 -2.22
CA TYR B 6 8.38 -16.17 -2.48
C TYR B 6 7.78 -17.54 -2.78
N TRP B 7 6.45 -17.57 -2.90
CA TRP B 7 5.75 -18.78 -3.24
C TRP B 7 6.08 -19.08 -4.70
N ASN B 8 5.86 -20.32 -5.12
CA ASN B 8 6.15 -20.75 -6.50
C ASN B 8 4.97 -20.28 -7.35
N ILE B 9 4.73 -18.97 -7.33
CA ILE B 9 3.65 -18.35 -8.09
C ILE B 9 4.11 -17.00 -8.63
N ARG B 10 3.31 -16.44 -9.52
CA ARG B 10 3.57 -15.13 -10.09
C ARG B 10 3.37 -14.11 -8.93
N GLY B 11 2.12 -13.94 -8.52
CA GLY B 11 1.76 -13.05 -7.42
C GLY B 11 2.50 -11.73 -7.30
N LEU B 12 2.89 -11.40 -6.06
CA LEU B 12 3.60 -10.17 -5.77
C LEU B 12 5.07 -10.15 -6.17
N ALA B 13 5.60 -11.30 -6.59
CA ALA B 13 7.01 -11.37 -7.00
C ALA B 13 7.24 -11.11 -8.47
N HIS B 14 6.16 -11.11 -9.26
CA HIS B 14 6.27 -10.89 -10.71
C HIS B 14 7.01 -9.62 -11.11
N SER B 15 6.62 -8.49 -10.52
CA SER B 15 7.27 -7.21 -10.83
C SER B 15 8.73 -7.16 -10.39
N ILE B 16 8.99 -7.80 -9.25
CA ILE B 16 10.33 -7.85 -8.68
C ILE B 16 11.26 -8.67 -9.58
N ARG B 17 10.80 -9.85 -9.99
CA ARG B 17 11.56 -10.73 -10.88
C ARG B 17 11.87 -10.03 -12.19
N LEU B 18 10.89 -9.33 -12.74
CA LEU B 18 11.08 -8.60 -13.98
C LEU B 18 12.09 -7.47 -13.80
N LEU B 19 12.02 -6.77 -12.68
CA LEU B 19 12.95 -5.66 -12.41
C LEU B 19 14.37 -6.16 -12.22
N LEU B 20 14.52 -7.26 -11.52
CA LEU B 20 15.84 -7.86 -11.27
C LEU B 20 16.47 -8.28 -12.60
N GLU B 21 15.62 -8.71 -13.54
CA GLU B 21 16.09 -9.13 -14.87
C GLU B 21 16.48 -7.94 -15.72
N TYR B 22 15.62 -6.93 -15.72
CA TYR B 22 15.86 -5.72 -16.49
C TYR B 22 17.17 -5.05 -16.06
N THR B 23 17.44 -5.08 -14.75
CA THR B 23 18.64 -4.47 -14.19
C THR B 23 19.86 -5.40 -14.20
N ASP B 24 19.69 -6.58 -14.80
CA ASP B 24 20.74 -7.59 -14.88
C ASP B 24 21.33 -7.80 -13.50
N SER B 25 20.46 -7.95 -12.50
CA SER B 25 20.88 -8.17 -11.14
C SER B 25 21.28 -9.63 -10.94
N SER B 26 22.27 -9.84 -10.07
CA SER B 26 22.74 -11.20 -9.77
C SER B 26 21.88 -11.73 -8.63
N TYR B 27 21.08 -12.76 -8.89
CA TYR B 27 20.21 -13.31 -7.86
C TYR B 27 19.80 -14.75 -8.08
N GLU B 28 19.25 -15.33 -7.02
CA GLU B 28 18.76 -16.70 -7.00
C GLU B 28 17.42 -16.63 -6.26
N GLU B 29 16.56 -17.61 -6.52
CA GLU B 29 15.26 -17.64 -5.89
C GLU B 29 15.07 -18.80 -4.94
N LYS B 30 14.51 -18.50 -3.78
CA LYS B 30 14.19 -19.51 -2.79
C LYS B 30 12.67 -19.65 -2.95
N LYS B 31 12.27 -20.71 -3.64
CA LYS B 31 10.84 -20.93 -3.87
C LYS B 31 10.21 -21.84 -2.84
N TYR B 32 9.09 -21.39 -2.31
CA TYR B 32 8.33 -22.15 -1.33
C TYR B 32 7.07 -22.63 -2.03
N THR B 33 6.71 -23.88 -1.78
CA THR B 33 5.52 -24.42 -2.39
C THR B 33 4.46 -24.67 -1.34
N MET B 34 3.29 -24.11 -1.59
CA MET B 34 2.16 -24.28 -0.69
C MET B 34 1.48 -25.59 -1.10
N GLY B 35 0.96 -26.34 -0.13
CA GLY B 35 0.29 -27.58 -0.44
C GLY B 35 -1.12 -27.30 -0.93
N ASP B 36 -1.73 -28.27 -1.60
CA ASP B 36 -3.08 -28.05 -2.09
C ASP B 36 -4.15 -28.26 -1.04
N ALA B 37 -5.40 -28.09 -1.49
CA ALA B 37 -6.57 -28.25 -0.64
C ALA B 37 -6.55 -29.64 0.01
N PRO B 38 -7.13 -29.77 1.21
CA PRO B 38 -7.79 -28.73 2.02
C PRO B 38 -6.88 -28.11 3.09
N ASP B 39 -5.71 -28.72 3.27
CA ASP B 39 -4.75 -28.28 4.27
C ASP B 39 -4.02 -26.99 3.93
N TYR B 40 -3.57 -26.89 2.68
CA TYR B 40 -2.81 -25.72 2.22
C TYR B 40 -1.56 -25.61 3.11
N ASP B 41 -0.82 -26.70 3.20
CA ASP B 41 0.39 -26.77 4.01
C ASP B 41 1.42 -25.68 3.68
N ARG B 42 1.74 -24.85 4.68
CA ARG B 42 2.69 -23.76 4.50
C ARG B 42 3.99 -23.99 5.27
N SER B 43 4.13 -25.18 5.85
CA SER B 43 5.31 -25.54 6.65
C SER B 43 6.65 -25.22 6.02
N GLN B 44 6.79 -25.46 4.72
CA GLN B 44 8.04 -25.18 4.01
C GLN B 44 8.55 -23.78 4.32
N TRP B 45 7.61 -22.83 4.36
CA TRP B 45 7.91 -21.44 4.65
C TRP B 45 8.00 -21.21 6.17
N LEU B 46 6.99 -21.66 6.89
CA LEU B 46 6.92 -21.50 8.36
C LEU B 46 8.11 -22.06 9.12
N ASN B 47 8.73 -23.09 8.54
CA ASN B 47 9.90 -23.73 9.14
C ASN B 47 11.13 -22.83 9.17
N GLU B 48 11.22 -21.87 8.26
CA GLU B 48 12.35 -20.96 8.24
C GLU B 48 11.97 -19.48 8.24
N LYS B 49 10.68 -19.20 8.34
CA LYS B 49 10.14 -17.84 8.37
C LYS B 49 10.85 -16.89 9.34
N PHE B 50 11.05 -17.35 10.57
CA PHE B 50 11.68 -16.57 11.62
C PHE B 50 13.19 -16.77 11.78
N LYS B 51 13.80 -17.44 10.81
CA LYS B 51 15.23 -17.73 10.88
C LYS B 51 16.03 -17.03 9.79
N LEU B 52 15.43 -16.03 9.14
CA LEU B 52 16.12 -15.30 8.07
C LEU B 52 16.63 -13.91 8.45
N GLY B 53 16.38 -13.49 9.69
CA GLY B 53 16.83 -12.17 10.10
C GLY B 53 15.94 -11.04 9.60
N LEU B 54 14.75 -11.38 9.15
CA LEU B 54 13.78 -10.39 8.66
C LEU B 54 13.13 -9.69 9.85
N ASP B 55 12.94 -8.38 9.76
CA ASP B 55 12.30 -7.62 10.85
C ASP B 55 10.80 -7.92 10.93
N PHE B 56 10.17 -8.02 9.77
CA PHE B 56 8.74 -8.34 9.65
C PHE B 56 8.61 -9.51 8.66
N PRO B 57 9.01 -10.73 9.05
CA PRO B 57 8.94 -11.91 8.17
C PRO B 57 7.70 -11.95 7.26
N ASN B 58 7.95 -12.02 5.96
CA ASN B 58 6.90 -12.03 4.96
C ASN B 58 7.47 -12.51 3.63
N LEU B 59 6.57 -12.75 2.68
CA LEU B 59 6.89 -13.16 1.33
C LEU B 59 6.17 -12.14 0.43
N PRO B 60 6.88 -11.57 -0.56
CA PRO B 60 8.27 -11.85 -0.87
C PRO B 60 9.27 -11.16 0.06
N TYR B 61 10.50 -11.65 0.04
CA TYR B 61 11.58 -11.07 0.81
C TYR B 61 12.81 -11.06 -0.09
N LEU B 62 13.68 -10.10 0.13
CA LEU B 62 14.91 -10.01 -0.64
C LEU B 62 16.07 -9.89 0.34
N ILE B 63 17.07 -10.75 0.17
CA ILE B 63 18.26 -10.71 1.00
C ILE B 63 19.42 -10.28 0.13
N ASP B 64 20.06 -9.19 0.52
CA ASP B 64 21.20 -8.65 -0.22
C ASP B 64 22.27 -8.26 0.80
N GLY B 65 23.05 -9.25 1.23
CA GLY B 65 24.08 -9.01 2.21
C GLY B 65 23.45 -8.69 3.54
N THR B 66 23.84 -7.57 4.13
CA THR B 66 23.29 -7.13 5.42
C THR B 66 21.86 -6.57 5.28
N HIS B 67 21.45 -6.33 4.04
CA HIS B 67 20.13 -5.81 3.73
C HIS B 67 19.07 -6.90 3.58
N LYS B 68 18.17 -6.97 4.54
CA LYS B 68 17.07 -7.94 4.54
C LYS B 68 15.79 -7.11 4.44
N ILE B 69 15.07 -7.29 3.33
CA ILE B 69 13.86 -6.52 3.03
C ILE B 69 12.59 -7.33 2.77
N THR B 70 11.46 -6.80 3.24
CA THR B 70 10.13 -7.38 3.03
C THR B 70 9.25 -6.25 2.47
N GLN B 71 8.04 -6.59 2.02
CA GLN B 71 7.09 -5.65 1.41
C GLN B 71 7.48 -5.42 -0.04
N SER B 72 6.75 -6.04 -0.96
CA SER B 72 7.04 -5.94 -2.40
C SER B 72 7.40 -4.55 -2.88
N ASN B 73 6.66 -3.55 -2.43
CA ASN B 73 6.94 -2.17 -2.81
C ASN B 73 8.32 -1.71 -2.35
N ALA B 74 8.69 -2.05 -1.11
CA ALA B 74 9.99 -1.68 -0.54
C ALA B 74 11.15 -2.36 -1.31
N ILE B 75 10.91 -3.60 -1.72
CA ILE B 75 11.89 -4.39 -2.46
C ILE B 75 12.12 -3.78 -3.83
N LEU B 76 11.03 -3.36 -4.49
CA LEU B 76 11.10 -2.74 -5.80
C LEU B 76 11.84 -1.42 -5.74
N ARG B 77 11.52 -0.61 -4.74
CA ARG B 77 12.17 0.68 -4.58
C ARG B 77 13.66 0.50 -4.27
N TYR B 78 13.99 -0.50 -3.47
CA TYR B 78 15.37 -0.78 -3.10
C TYR B 78 16.20 -1.06 -4.35
N ILE B 79 15.74 -2.03 -5.15
CA ILE B 79 16.42 -2.42 -6.40
C ILE B 79 16.52 -1.24 -7.36
N ALA B 80 15.42 -0.54 -7.54
CA ALA B 80 15.35 0.61 -8.44
C ALA B 80 16.33 1.74 -8.10
N ARG B 81 16.48 2.06 -6.83
CA ARG B 81 17.39 3.12 -6.39
C ARG B 81 18.85 2.79 -6.74
N LYS B 82 19.16 1.51 -6.81
CA LYS B 82 20.51 1.05 -7.13
C LYS B 82 20.83 1.25 -8.62
N HIS B 83 19.79 1.45 -9.42
CA HIS B 83 19.97 1.61 -10.87
C HIS B 83 19.35 2.87 -11.46
N ASN B 84 19.12 3.88 -10.63
CA ASN B 84 18.52 5.15 -11.05
C ASN B 84 17.18 4.93 -11.78
N LEU B 85 16.36 4.02 -11.24
CA LEU B 85 15.07 3.71 -11.85
C LEU B 85 13.86 4.23 -11.05
N CYS B 86 13.99 5.44 -10.52
CA CYS B 86 12.92 6.08 -9.74
C CYS B 86 12.73 7.51 -10.24
N GLY B 87 11.58 8.10 -9.89
CA GLY B 87 11.30 9.47 -10.28
C GLY B 87 12.29 10.42 -9.63
N GLU B 88 12.67 11.46 -10.36
CA GLU B 88 13.63 12.43 -9.83
C GLU B 88 13.02 13.76 -9.41
N SER B 89 12.29 14.40 -10.31
CA SER B 89 11.66 15.68 -10.02
C SER B 89 10.50 15.50 -9.04
N GLU B 90 10.05 16.63 -8.48
CA GLU B 90 8.94 16.62 -7.55
C GLU B 90 7.69 16.05 -8.24
N LYS B 91 7.45 16.49 -9.47
CA LYS B 91 6.30 16.01 -10.23
C LYS B 91 6.40 14.50 -10.51
N GLU B 92 7.61 14.04 -10.85
CA GLU B 92 7.82 12.62 -11.11
C GLU B 92 7.60 11.78 -9.85
N GLN B 93 8.04 12.29 -8.70
CA GLN B 93 7.84 11.59 -7.44
C GLN B 93 6.34 11.51 -7.09
N ILE B 94 5.61 12.60 -7.34
CA ILE B 94 4.16 12.62 -7.07
C ILE B 94 3.46 11.55 -7.92
N ARG B 95 3.75 11.53 -9.22
CA ARG B 95 3.13 10.55 -10.12
C ARG B 95 3.46 9.13 -9.64
N GLU B 96 4.71 8.94 -9.25
CA GLU B 96 5.23 7.68 -8.76
C GLU B 96 4.47 7.19 -7.52
N ASP B 97 4.32 8.08 -6.54
CA ASP B 97 3.61 7.75 -5.30
C ASP B 97 2.14 7.46 -5.55
N ILE B 98 1.49 8.26 -6.38
CA ILE B 98 0.08 8.03 -6.67
C ILE B 98 -0.14 6.66 -7.33
N LEU B 99 0.60 6.40 -8.40
CA LEU B 99 0.46 5.15 -9.13
C LEU B 99 0.81 3.92 -8.33
N GLU B 100 1.86 4.01 -7.50
CA GLU B 100 2.28 2.88 -6.68
C GLU B 100 1.10 2.39 -5.83
N ASN B 101 0.43 3.33 -5.18
CA ASN B 101 -0.71 3.05 -4.32
C ASN B 101 -1.98 2.73 -5.10
N GLN B 102 -2.18 3.42 -6.22
CA GLN B 102 -3.36 3.17 -7.05
C GLN B 102 -3.34 1.76 -7.60
N PHE B 103 -2.21 1.37 -8.21
CA PHE B 103 -2.05 0.03 -8.77
C PHE B 103 -2.23 -1.04 -7.71
N MET B 104 -1.78 -0.76 -6.48
CA MET B 104 -1.92 -1.70 -5.37
C MET B 104 -3.40 -1.93 -5.09
N ASP B 105 -4.20 -0.86 -5.16
CA ASP B 105 -5.64 -0.94 -4.94
C ASP B 105 -6.27 -1.78 -6.06
N SER B 106 -5.88 -1.52 -7.29
CA SER B 106 -6.40 -2.27 -8.43
C SER B 106 -6.05 -3.76 -8.27
N ARG B 107 -4.82 -4.01 -7.83
CA ARG B 107 -4.32 -5.38 -7.60
C ARG B 107 -5.20 -6.10 -6.57
N MET B 108 -5.52 -5.39 -5.49
CA MET B 108 -6.35 -5.90 -4.41
C MET B 108 -7.79 -6.15 -4.85
N GLN B 109 -8.30 -5.31 -5.75
CA GLN B 109 -9.66 -5.48 -6.25
C GLN B 109 -9.74 -6.80 -7.02
N LEU B 110 -8.77 -7.05 -7.88
CA LEU B 110 -8.76 -8.32 -8.64
C LEU B 110 -8.58 -9.51 -7.69
N ALA B 111 -7.64 -9.38 -6.75
CA ALA B 111 -7.37 -10.45 -5.78
C ALA B 111 -8.58 -10.77 -4.91
N LYS B 112 -9.25 -9.73 -4.38
CA LYS B 112 -10.44 -9.91 -3.55
C LYS B 112 -11.50 -10.74 -4.28
N LEU B 113 -11.72 -10.43 -5.56
CA LEU B 113 -12.69 -11.15 -6.39
C LEU B 113 -12.23 -12.59 -6.65
N CYS B 114 -10.97 -12.73 -7.01
CA CYS B 114 -10.42 -14.05 -7.31
C CYS B 114 -10.32 -15.02 -6.14
N TYR B 115 -10.38 -14.50 -4.91
CA TYR B 115 -10.33 -15.31 -3.70
C TYR B 115 -11.70 -15.47 -3.08
N ASP B 116 -12.69 -14.81 -3.66
CA ASP B 116 -14.05 -14.84 -3.17
C ASP B 116 -14.76 -16.12 -3.60
N PRO B 117 -15.38 -16.85 -2.65
CA PRO B 117 -16.09 -18.08 -2.99
C PRO B 117 -17.21 -17.81 -3.97
N ASP B 118 -17.75 -16.59 -3.96
CA ASP B 118 -18.83 -16.20 -4.87
C ASP B 118 -18.30 -15.64 -6.19
N PHE B 119 -17.02 -15.90 -6.47
CA PHE B 119 -16.34 -15.44 -7.67
C PHE B 119 -17.20 -15.34 -8.94
N GLU B 120 -18.00 -16.36 -9.21
CA GLU B 120 -18.85 -16.37 -10.40
C GLU B 120 -19.88 -15.25 -10.45
N LYS B 121 -20.59 -15.03 -9.34
CA LYS B 121 -21.61 -14.00 -9.24
C LYS B 121 -21.02 -12.60 -9.32
N LEU B 122 -19.91 -12.40 -8.62
CA LEU B 122 -19.21 -11.11 -8.55
C LEU B 122 -18.39 -10.73 -9.78
N LYS B 123 -18.04 -11.70 -10.62
CA LYS B 123 -17.22 -11.42 -11.80
C LYS B 123 -17.84 -10.43 -12.80
N PRO B 124 -19.12 -10.63 -13.16
CA PRO B 124 -19.77 -9.71 -14.10
C PRO B 124 -19.67 -8.26 -13.65
N GLU B 125 -19.77 -8.04 -12.35
CA GLU B 125 -19.72 -6.70 -11.77
C GLU B 125 -18.31 -6.10 -11.85
N TYR B 126 -17.30 -6.96 -11.76
CA TYR B 126 -15.92 -6.54 -11.83
C TYR B 126 -15.58 -6.09 -13.25
N LEU B 127 -15.96 -6.93 -14.22
CA LEU B 127 -15.70 -6.64 -15.62
C LEU B 127 -16.48 -5.41 -16.06
N GLN B 128 -17.56 -5.14 -15.35
CA GLN B 128 -18.41 -4.00 -15.59
C GLN B 128 -17.63 -2.72 -15.29
N ALA B 129 -17.03 -2.70 -14.10
CA ALA B 129 -16.25 -1.55 -13.63
C ALA B 129 -14.83 -1.45 -14.16
N LEU B 130 -14.33 -2.53 -14.74
CA LEU B 130 -12.97 -2.57 -15.26
C LEU B 130 -12.61 -1.49 -16.29
N PRO B 131 -13.50 -1.24 -17.29
CA PRO B 131 -13.18 -0.22 -18.30
C PRO B 131 -12.99 1.16 -17.68
N GLU B 132 -13.72 1.43 -16.60
CA GLU B 132 -13.65 2.70 -15.91
C GLU B 132 -12.27 2.92 -15.29
N MET B 133 -11.76 1.88 -14.63
CA MET B 133 -10.45 1.90 -14.00
C MET B 133 -9.34 2.00 -15.05
N LEU B 134 -9.46 1.21 -16.12
CA LEU B 134 -8.48 1.20 -17.20
C LEU B 134 -8.39 2.56 -17.88
N LYS B 135 -9.54 3.21 -18.03
CA LYS B 135 -9.60 4.51 -18.67
C LYS B 135 -8.73 5.51 -17.94
N LEU B 136 -8.77 5.49 -16.62
CA LEU B 136 -7.96 6.40 -15.80
C LEU B 136 -6.47 6.18 -15.99
N TYR B 137 -6.05 4.91 -16.11
CA TYR B 137 -4.63 4.62 -16.32
C TYR B 137 -4.23 5.08 -17.74
N SER B 138 -5.14 4.87 -18.69
CA SER B 138 -4.91 5.26 -20.08
C SER B 138 -4.75 6.78 -20.19
N GLN B 139 -5.64 7.51 -19.53
CA GLN B 139 -5.61 8.97 -19.53
C GLN B 139 -4.34 9.51 -18.90
N PHE B 140 -3.94 8.91 -17.78
CA PHE B 140 -2.75 9.35 -17.07
C PHE B 140 -1.50 9.16 -17.92
N LEU B 141 -1.37 7.97 -18.53
CA LEU B 141 -0.24 7.64 -19.37
C LEU B 141 -0.10 8.55 -20.58
N GLY B 142 -1.22 8.83 -21.25
CA GLY B 142 -1.20 9.70 -22.42
C GLY B 142 -0.30 9.18 -23.53
N LYS B 143 0.46 10.08 -24.14
CA LYS B 143 1.36 9.70 -25.23
C LYS B 143 2.81 9.44 -24.76
N GLN B 144 3.00 9.36 -23.45
CA GLN B 144 4.31 9.09 -22.89
C GLN B 144 4.60 7.59 -23.09
N PRO B 145 5.88 7.21 -23.28
CA PRO B 145 6.14 5.78 -23.47
C PRO B 145 6.05 5.03 -22.13
N TRP B 146 6.32 5.75 -21.04
CA TRP B 146 6.30 5.20 -19.68
C TRP B 146 5.45 6.08 -18.77
N PHE B 147 5.07 5.56 -17.60
CA PHE B 147 4.22 6.29 -16.67
C PHE B 147 4.76 7.55 -15.99
N LEU B 148 6.08 7.73 -15.96
CA LEU B 148 6.64 8.94 -15.38
C LEU B 148 7.14 9.89 -16.48
N GLY B 149 7.13 9.41 -17.73
CA GLY B 149 7.58 10.23 -18.83
C GLY B 149 8.38 9.47 -19.87
N ASP B 150 9.52 10.04 -20.25
CA ASP B 150 10.39 9.44 -21.26
C ASP B 150 11.25 8.30 -20.72
N LYS B 151 11.43 8.25 -19.41
CA LYS B 151 12.26 7.22 -18.78
C LYS B 151 11.46 6.17 -18.01
N ILE B 152 11.85 4.90 -18.18
CA ILE B 152 11.19 3.79 -17.50
C ILE B 152 11.65 3.83 -16.03
N THR B 153 10.72 3.54 -15.13
CA THR B 153 10.99 3.54 -13.70
C THR B 153 10.31 2.34 -13.05
N PHE B 154 10.47 2.15 -11.75
CA PHE B 154 9.86 1.00 -11.09
C PHE B 154 8.34 0.86 -11.21
N VAL B 155 7.60 1.97 -11.21
CA VAL B 155 6.14 1.84 -11.31
C VAL B 155 5.70 1.17 -12.60
N ASP B 156 6.51 1.29 -13.65
CA ASP B 156 6.18 0.67 -14.95
C ASP B 156 6.14 -0.85 -14.83
N PHE B 157 6.91 -1.37 -13.88
CA PHE B 157 6.98 -2.81 -13.62
C PHE B 157 5.75 -3.25 -12.84
N ILE B 158 5.26 -2.38 -11.96
CA ILE B 158 4.05 -2.64 -11.18
C ILE B 158 2.89 -2.52 -12.19
N ALA B 159 2.96 -1.47 -13.02
CA ALA B 159 1.96 -1.19 -14.05
C ALA B 159 1.76 -2.37 -15.00
N TYR B 160 2.86 -2.89 -15.52
CA TYR B 160 2.81 -4.03 -16.43
C TYR B 160 2.11 -5.22 -15.78
N ASP B 161 2.47 -5.53 -14.54
CA ASP B 161 1.89 -6.66 -13.82
C ASP B 161 0.37 -6.60 -13.65
N VAL B 162 -0.16 -5.49 -13.13
CA VAL B 162 -1.60 -5.42 -12.94
C VAL B 162 -2.38 -5.35 -14.25
N LEU B 163 -1.85 -4.64 -15.23
CA LEU B 163 -2.51 -4.51 -16.53
C LEU B 163 -2.50 -5.83 -17.31
N GLU B 164 -1.33 -6.40 -17.46
CA GLU B 164 -1.20 -7.66 -18.17
C GLU B 164 -2.01 -8.78 -17.50
N ARG B 165 -2.09 -8.79 -16.16
CA ARG B 165 -2.86 -9.85 -15.53
C ARG B 165 -4.37 -9.65 -15.68
N ASN B 166 -4.80 -8.42 -15.96
CA ASN B 166 -6.22 -8.16 -16.18
C ASN B 166 -6.52 -8.68 -17.58
N GLN B 167 -5.51 -8.58 -18.45
CA GLN B 167 -5.62 -9.07 -19.80
C GLN B 167 -5.71 -10.60 -19.79
N VAL B 168 -5.04 -11.28 -18.85
CA VAL B 168 -5.15 -12.75 -18.80
C VAL B 168 -6.52 -13.14 -18.24
N PHE B 169 -7.01 -12.39 -17.26
CA PHE B 169 -8.32 -12.63 -16.65
C PHE B 169 -9.40 -12.43 -17.74
N GLU B 170 -9.25 -11.36 -18.52
CA GLU B 170 -10.17 -11.04 -19.61
C GLU B 170 -9.36 -10.50 -20.81
N PRO B 171 -9.18 -11.34 -21.84
CA PRO B 171 -8.45 -11.04 -23.07
C PRO B 171 -8.77 -9.74 -23.81
N SER B 172 -10.03 -9.34 -23.79
CA SER B 172 -10.46 -8.14 -24.51
C SER B 172 -10.53 -6.82 -23.75
N CYS B 173 -10.23 -6.84 -22.45
CA CYS B 173 -10.31 -5.62 -21.64
C CYS B 173 -9.48 -4.42 -22.05
N LEU B 174 -8.33 -4.64 -22.67
CA LEU B 174 -7.48 -3.53 -23.09
C LEU B 174 -7.74 -3.02 -24.53
N ASP B 175 -8.68 -3.66 -25.22
CA ASP B 175 -9.01 -3.29 -26.61
C ASP B 175 -9.24 -1.81 -26.83
N ALA B 176 -10.10 -1.23 -26.01
CA ALA B 176 -10.45 0.18 -26.10
C ALA B 176 -9.32 1.16 -25.81
N PHE B 177 -8.19 0.67 -25.34
CA PHE B 177 -7.07 1.55 -24.99
C PHE B 177 -5.76 1.22 -25.69
N PRO B 178 -5.54 1.79 -26.88
CA PRO B 178 -4.32 1.58 -27.67
C PRO B 178 -3.02 1.83 -26.91
N ASN B 179 -2.92 2.96 -26.20
CA ASN B 179 -1.71 3.26 -25.45
C ASN B 179 -1.40 2.23 -24.34
N LEU B 180 -2.42 1.61 -23.78
CA LEU B 180 -2.21 0.59 -22.74
C LEU B 180 -1.73 -0.72 -23.38
N LYS B 181 -2.21 -1.02 -24.59
CA LYS B 181 -1.77 -2.22 -25.31
C LYS B 181 -0.36 -1.96 -25.83
N ASP B 182 -0.09 -0.74 -26.28
CA ASP B 182 1.24 -0.40 -26.79
C ASP B 182 2.25 -0.43 -25.64
N PHE B 183 1.79 -0.08 -24.43
CA PHE B 183 2.63 -0.09 -23.24
C PHE B 183 3.07 -1.52 -22.96
N ILE B 184 2.12 -2.44 -22.95
CA ILE B 184 2.40 -3.86 -22.72
C ILE B 184 3.40 -4.40 -23.74
N SER B 185 3.16 -4.09 -25.02
CA SER B 185 4.04 -4.52 -26.11
C SER B 185 5.46 -3.97 -25.92
N ARG B 186 5.54 -2.68 -25.59
CA ARG B 186 6.80 -1.99 -25.41
C ARG B 186 7.62 -2.57 -24.26
N PHE B 187 6.94 -2.92 -23.18
CA PHE B 187 7.61 -3.50 -22.02
C PHE B 187 8.10 -4.92 -22.35
N GLU B 188 7.22 -5.74 -22.92
CA GLU B 188 7.57 -7.11 -23.30
C GLU B 188 8.61 -7.13 -24.42
N GLY B 189 8.75 -6.00 -25.10
CA GLY B 189 9.71 -5.87 -26.18
C GLY B 189 11.12 -5.55 -25.73
N LEU B 190 11.27 -5.01 -24.51
CA LEU B 190 12.58 -4.67 -23.97
C LEU B 190 13.49 -5.89 -24.05
N GLU B 191 14.73 -5.68 -24.47
CA GLU B 191 15.71 -6.75 -24.60
C GLU B 191 15.68 -7.78 -23.46
N LYS B 192 16.02 -7.31 -22.26
CA LYS B 192 16.07 -8.16 -21.07
C LYS B 192 14.76 -8.85 -20.72
N ILE B 193 13.64 -8.17 -20.95
CA ILE B 193 12.33 -8.75 -20.64
C ILE B 193 11.93 -9.82 -21.65
N SER B 194 12.19 -9.54 -22.93
CA SER B 194 11.88 -10.47 -24.01
C SER B 194 12.63 -11.79 -23.79
N ALA B 195 13.91 -11.67 -23.46
CA ALA B 195 14.78 -12.81 -23.20
C ALA B 195 14.27 -13.64 -22.03
N TYR B 196 13.85 -12.95 -20.99
CA TYR B 196 13.34 -13.59 -19.78
C TYR B 196 12.05 -14.37 -20.02
N MET B 197 11.13 -13.80 -20.79
CA MET B 197 9.86 -14.46 -21.07
C MET B 197 10.04 -15.73 -21.88
N LYS B 198 11.18 -15.82 -22.58
CA LYS B 198 11.53 -16.97 -23.39
C LYS B 198 12.30 -18.02 -22.59
N SER B 199 12.80 -17.64 -21.42
CA SER B 199 13.56 -18.57 -20.59
C SER B 199 12.69 -19.48 -19.72
N SER B 200 13.34 -20.47 -19.13
CA SER B 200 12.66 -21.44 -18.26
C SER B 200 12.30 -20.83 -16.90
N ARG B 201 12.98 -19.73 -16.57
CA ARG B 201 12.77 -19.02 -15.30
C ARG B 201 11.49 -18.21 -15.24
N PHE B 202 10.92 -17.90 -16.41
CA PHE B 202 9.69 -17.12 -16.46
C PHE B 202 8.58 -17.89 -15.75
N LEU B 203 7.92 -17.20 -14.82
CA LEU B 203 6.86 -17.79 -14.00
C LEU B 203 5.59 -16.93 -14.06
N PRO B 204 4.78 -17.11 -15.11
CA PRO B 204 3.55 -16.32 -15.25
C PRO B 204 2.34 -16.97 -14.57
N ARG B 205 2.45 -18.26 -14.29
CA ARG B 205 1.35 -19.02 -13.68
C ARG B 205 1.88 -20.03 -12.66
N PRO B 206 1.10 -20.32 -11.60
CA PRO B 206 -0.23 -19.73 -11.35
C PRO B 206 -0.14 -18.28 -10.91
N VAL B 207 -1.20 -17.52 -11.18
CA VAL B 207 -1.24 -16.10 -10.83
C VAL B 207 -1.30 -15.86 -9.31
N PHE B 208 -2.17 -16.60 -8.63
CA PHE B 208 -2.36 -16.46 -7.18
C PHE B 208 -1.98 -17.73 -6.43
N THR B 209 -2.21 -17.73 -5.11
CA THR B 209 -1.92 -18.89 -4.27
C THR B 209 -2.96 -20.00 -4.50
N LYS B 210 -2.66 -21.20 -4.00
CA LYS B 210 -3.56 -22.34 -4.16
C LYS B 210 -4.93 -22.14 -3.49
N MET B 211 -5.00 -21.15 -2.60
CA MET B 211 -6.24 -20.84 -1.88
C MET B 211 -7.22 -19.99 -2.70
N ALA B 212 -6.77 -19.54 -3.88
CA ALA B 212 -7.59 -18.72 -4.78
C ALA B 212 -8.65 -19.56 -5.49
N VAL B 213 -9.78 -18.94 -5.83
CA VAL B 213 -10.85 -19.62 -6.53
C VAL B 213 -10.54 -19.54 -8.02
N TRP B 214 -9.84 -18.46 -8.40
CA TRP B 214 -9.41 -18.25 -9.77
C TRP B 214 -7.92 -17.94 -9.76
N GLY B 215 -7.21 -18.52 -10.72
CA GLY B 215 -5.76 -18.31 -10.85
C GLY B 215 -4.92 -19.11 -9.89
N ASN B 216 -5.50 -20.17 -9.33
CA ASN B 216 -4.81 -21.05 -8.38
C ASN B 216 -3.90 -22.07 -9.03
N LYS B 217 -4.01 -22.23 -10.34
CA LYS B 217 -3.20 -23.18 -11.10
C LYS B 217 -2.74 -22.64 -12.48
N1 GSH C . -5.47 3.33 -1.00
CA1 GSH C . -6.33 4.51 -0.92
C1 GSH C . -5.68 5.66 0.02
O11 GSH C . -5.96 6.84 -0.08
O12 GSH C . -4.88 5.15 0.86
CB1 GSH C . -7.75 4.13 -0.41
CG1 GSH C . -8.78 5.29 -0.60
CD1 GSH C . -10.16 4.87 -0.09
OE1 GSH C . -10.52 3.63 0.06
N2 GSH C . -11.01 5.88 0.21
CA2 GSH C . -12.39 5.56 0.70
C2 GSH C . -13.39 6.33 -0.17
O2 GSH C . -14.53 6.59 0.23
CB2 GSH C . -12.49 6.06 2.18
SG2 GSH C . -11.27 5.19 3.19
N3 GSH C . -12.94 6.73 -1.40
CA3 GSH C . -13.88 7.51 -2.23
C3 GSH C . -14.13 6.82 -3.56
O31 GSH C . -14.92 7.38 -4.35
O32 GSH C . -13.54 5.73 -3.79
N1 GSH D . 1.78 -6.05 1.61
CA1 GSH D . 2.72 -7.16 1.55
C1 GSH D . 3.68 -7.13 0.26
O11 GSH D . 4.73 -7.76 0.20
O12 GSH D . 3.19 -6.40 -0.65
CB1 GSH D . 1.87 -8.45 1.52
CG1 GSH D . 2.73 -9.72 1.75
CD1 GSH D . 1.86 -10.98 1.69
OE1 GSH D . 0.58 -10.99 1.89
N2 GSH D . 2.51 -12.14 1.39
CA2 GSH D . 1.75 -13.39 1.33
C2 GSH D . 2.30 -14.42 2.30
O2 GSH D . 1.99 -15.61 2.22
CB2 GSH D . 1.87 -13.98 -0.11
SG2 GSH D . 1.22 -12.77 -1.28
N3 GSH D . 3.20 -13.98 3.23
CA3 GSH D . 3.79 -14.99 4.13
C3 GSH D . 3.39 -14.79 5.59
O31 GSH D . 3.86 -15.61 6.43
O32 GSH D . 2.63 -13.82 5.88
#